data_6MEG
#
_entry.id   6MEG
#
_cell.length_a   54.640
_cell.length_b   71.302
_cell.length_c   108.590
_cell.angle_alpha   90.000
_cell.angle_beta   90.000
_cell.angle_gamma   90.000
#
_symmetry.space_group_name_H-M   'P 21 21 21'
#
loop_
_entity.id
_entity.type
_entity.pdbx_description
1 polymer 'antibody HEPC46 Heavy Chain'
2 polymer 'antibody HEPC46 Light Chain'
3 water water
#
loop_
_entity_poly.entity_id
_entity_poly.type
_entity_poly.pdbx_seq_one_letter_code
_entity_poly.pdbx_strand_id
1 'polypeptide(L)'
;QVQLVQSGAEVKKPGASVKVSCKASGYIFTSHGISWVRQAPGQGLEWMGWISVYNGYTNYAQNLQGRVTMTTDTSTSTAY
MELRSLRSDDTAVYFCARASQIRGVDYWGQGTLVTVSSASTKGPSVFPLAPSSKSTSGGTAALGCLVKDYFPEPVTVSWN
SGALTSGVHTFPAVLQSSGLYSLSSVVTVPSSSLGTQTYICNVNHKPSNTKVDKRVEPKSCDKTHHHHHH
;
H
2 'polypeptide(L)'
;QSVLTQPPSASGTPGQRVTISCSGSSSNIGSNYVYWYQQFPGTAPKLLIYGNNQRPSGVPDRFSGSKSGTSASLAISGLR
SEDEADYYCAAWDDSLSGPWVFGGGTQVTVLGQPKAAPSVTLFPPSSEELQANKATLVCLISDFYPGAVTVAWKADSSPV
KAGVETTTPSKQSNNKYAASSYLSLTPEQWKSHRSYSCQVTHEGSTVEKTVAPTECS
;
L
#
# COMPACT_ATOMS: atom_id res chain seq x y z
N GLN A 1 -5.07 -21.73 10.45
CA GLN A 1 -4.85 -20.84 11.61
C GLN A 1 -3.40 -20.44 11.78
N VAL A 2 -2.60 -20.59 10.72
CA VAL A 2 -1.22 -20.13 10.79
C VAL A 2 -1.22 -18.61 10.74
N GLN A 3 -0.46 -18.01 11.66
CA GLN A 3 -0.29 -16.56 11.67
C GLN A 3 1.15 -16.20 12.03
N LEU A 4 1.67 -15.19 11.35
CA LEU A 4 2.97 -14.59 11.66
C LEU A 4 2.74 -13.10 11.89
N VAL A 5 3.08 -12.62 13.07
CA VAL A 5 2.82 -11.23 13.48
C VAL A 5 4.16 -10.54 13.71
N GLN A 6 4.40 -9.49 12.95
CA GLN A 6 5.66 -8.77 13.01
C GLN A 6 5.56 -7.52 13.87
N SER A 7 6.72 -7.06 14.31
CA SER A 7 6.84 -5.80 15.01
C SER A 7 6.57 -4.62 14.06
N GLY A 8 6.46 -3.45 14.67
CA GLY A 8 5.95 -2.28 13.97
C GLY A 8 7.00 -1.56 13.13
N ALA A 9 6.49 -0.70 12.25
CA ALA A 9 7.34 0.11 11.37
C ALA A 9 8.31 0.92 12.20
N GLU A 10 9.46 1.20 11.60
CA GLU A 10 10.57 1.82 12.31
C GLU A 10 11.28 2.79 11.38
N VAL A 11 11.87 3.83 11.95
CA VAL A 11 12.79 4.70 11.22
C VAL A 11 14.15 4.58 11.88
N LYS A 12 15.19 4.54 11.06
CA LYS A 12 16.55 4.33 11.55
C LYS A 12 17.52 5.24 10.80
N LYS A 13 18.54 5.67 11.51
CA LYS A 13 19.55 6.52 10.90
C LYS A 13 20.52 5.67 10.07
N PRO A 14 21.12 6.26 9.04
CA PRO A 14 22.14 5.52 8.29
C PRO A 14 23.26 5.10 9.22
N GLY A 15 23.76 3.87 9.03
CA GLY A 15 24.78 3.33 9.89
C GLY A 15 24.26 2.58 11.10
N ALA A 16 22.99 2.78 11.46
CA ALA A 16 22.44 2.03 12.57
C ALA A 16 22.03 0.62 12.12
N SER A 17 21.62 -0.18 13.09
CA SER A 17 21.06 -1.52 12.86
C SER A 17 19.57 -1.52 13.17
N VAL A 18 18.86 -2.47 12.56
CA VAL A 18 17.45 -2.72 12.87
C VAL A 18 17.28 -4.21 13.17
N LYS A 19 16.45 -4.54 14.14
CA LYS A 19 16.10 -5.92 14.46
C LYS A 19 14.59 -6.04 14.39
N VAL A 20 14.10 -6.83 13.43
CA VAL A 20 12.67 -7.03 13.24
C VAL A 20 12.32 -8.39 13.84
N SER A 21 11.16 -8.47 14.46
CA SER A 21 10.72 -9.72 15.07
C SER A 21 9.46 -10.23 14.37
N CYS A 22 9.22 -11.52 14.53
CA CYS A 22 8.13 -12.22 13.85
C CYS A 22 7.67 -13.33 14.80
N LYS A 23 6.46 -13.20 15.32
CA LYS A 23 5.88 -14.15 16.27
C LYS A 23 4.98 -15.11 15.51
N ALA A 24 5.25 -16.40 15.62
CA ALA A 24 4.53 -17.43 14.88
C ALA A 24 3.53 -18.15 15.76
N SER A 25 2.37 -18.47 15.20
CA SER A 25 1.35 -19.21 15.93
C SER A 25 0.54 -20.06 14.96
N GLY A 26 -0.20 -21.02 15.52
CA GLY A 26 -1.06 -21.89 14.75
C GLY A 26 -0.42 -23.13 14.18
N TYR A 27 0.83 -23.39 14.52
CA TYR A 27 1.54 -24.56 14.04
C TYR A 27 2.75 -24.73 14.95
N ILE A 28 3.44 -25.86 14.81
CA ILE A 28 4.61 -26.13 15.63
C ILE A 28 5.78 -25.32 15.08
N PHE A 29 6.28 -24.37 15.89
CA PHE A 29 7.29 -23.42 15.41
C PHE A 29 8.49 -24.13 14.81
N THR A 30 8.99 -25.17 15.48
CA THR A 30 10.19 -25.81 14.94
C THR A 30 9.92 -26.67 13.71
N SER A 31 8.67 -26.84 13.28
CA SER A 31 8.42 -27.72 12.16
C SER A 31 8.68 -27.09 10.80
N HIS A 32 8.87 -25.78 10.73
CA HIS A 32 9.12 -25.10 9.47
C HIS A 32 10.26 -24.13 9.67
N GLY A 33 10.92 -23.78 8.55
CA GLY A 33 11.90 -22.70 8.60
C GLY A 33 11.22 -21.37 8.55
N ILE A 34 12.01 -20.31 8.69
CA ILE A 34 11.54 -18.93 8.52
C ILE A 34 12.46 -18.27 7.51
N SER A 35 11.87 -17.63 6.53
CA SER A 35 12.59 -16.83 5.56
C SER A 35 12.22 -15.37 5.73
N TRP A 36 13.11 -14.50 5.23
CA TRP A 36 12.86 -13.07 5.16
C TRP A 36 13.01 -12.59 3.73
N VAL A 37 12.07 -11.73 3.34
CA VAL A 37 11.97 -11.19 1.99
C VAL A 37 11.70 -9.70 2.14
N ARG A 38 12.41 -8.87 1.38
CA ARG A 38 12.17 -7.44 1.45
C ARG A 38 11.65 -6.90 0.12
N GLN A 39 10.98 -5.77 0.22
CA GLN A 39 10.31 -5.18 -0.93
C GLN A 39 10.41 -3.67 -0.81
N ALA A 40 11.22 -3.07 -1.68
CA ALA A 40 11.31 -1.62 -1.69
C ALA A 40 9.98 -1.06 -2.17
N PRO A 41 9.61 0.14 -1.74
CA PRO A 41 8.30 0.67 -2.11
C PRO A 41 8.06 0.64 -3.62
N GLY A 42 6.96 0.00 -4.01
CA GLY A 42 6.54 -0.09 -5.39
C GLY A 42 7.27 -1.13 -6.22
N GLN A 43 8.22 -1.85 -5.62
CA GLN A 43 9.12 -2.71 -6.38
C GLN A 43 8.79 -4.17 -6.09
N GLY A 44 9.65 -5.08 -6.52
CA GLY A 44 9.41 -6.50 -6.39
C GLY A 44 9.98 -7.10 -5.11
N LEU A 45 9.84 -8.42 -5.01
CA LEU A 45 10.24 -9.18 -3.83
C LEU A 45 11.69 -9.64 -3.97
N GLU A 46 12.48 -9.47 -2.91
CA GLU A 46 13.88 -9.87 -2.88
C GLU A 46 14.14 -10.77 -1.70
N TRP A 47 14.57 -12.00 -1.98
CA TRP A 47 14.93 -12.95 -0.95
C TRP A 47 16.16 -12.48 -0.19
N MET A 48 16.10 -12.55 1.13
CA MET A 48 17.23 -12.20 1.97
C MET A 48 17.92 -13.38 2.59
N GLY A 49 17.21 -14.47 2.82
CA GLY A 49 17.80 -15.61 3.49
C GLY A 49 16.73 -16.39 4.23
N TRP A 50 17.18 -17.46 4.89
CA TRP A 50 16.29 -18.24 5.72
C TRP A 50 17.09 -18.97 6.80
N ILE A 51 16.37 -19.38 7.83
CA ILE A 51 16.93 -20.11 8.96
C ILE A 51 16.03 -21.30 9.28
N SER A 52 16.66 -22.43 9.63
CA SER A 52 15.94 -23.57 10.18
C SER A 52 15.69 -23.32 11.66
N VAL A 53 14.41 -23.21 12.04
CA VAL A 53 14.08 -23.05 13.45
C VAL A 53 14.53 -24.28 14.23
N TYR A 54 14.47 -25.45 13.58
CA TYR A 54 14.70 -26.73 14.27
C TYR A 54 16.18 -26.95 14.54
N ASN A 55 17.05 -26.68 13.56
CA ASN A 55 18.45 -27.04 13.70
C ASN A 55 19.43 -25.87 13.56
N GLY A 56 18.94 -24.67 13.30
CA GLY A 56 19.79 -23.49 13.32
C GLY A 56 20.49 -23.17 12.02
N TYR A 57 20.40 -24.01 11.00
CA TYR A 57 21.10 -23.73 9.76
C TYR A 57 20.60 -22.42 9.16
N THR A 58 21.53 -21.63 8.61
CA THR A 58 21.15 -20.39 7.93
C THR A 58 21.79 -20.29 6.56
N ASN A 59 21.14 -19.53 5.67
CA ASN A 59 21.71 -19.18 4.38
C ASN A 59 21.26 -17.76 4.03
N TYR A 60 22.20 -16.89 3.70
CA TYR A 60 21.92 -15.48 3.44
C TYR A 60 22.22 -15.11 1.99
N ALA A 61 21.46 -14.14 1.49
CA ALA A 61 21.69 -13.63 0.14
C ALA A 61 23.04 -12.93 0.05
N GLN A 62 23.78 -13.25 -1.02
CA GLN A 62 25.12 -12.69 -1.21
C GLN A 62 25.07 -11.16 -1.33
N ASN A 63 24.04 -10.63 -1.96
CA ASN A 63 23.99 -9.20 -2.22
C ASN A 63 23.88 -8.37 -0.94
N LEU A 64 23.60 -8.99 0.20
CA LEU A 64 23.59 -8.24 1.45
C LEU A 64 24.98 -8.17 2.07
N GLN A 65 25.98 -8.82 1.46
CA GLN A 65 27.39 -8.68 1.85
C GLN A 65 27.60 -8.90 3.34
N GLY A 66 26.92 -9.91 3.88
CA GLY A 66 27.12 -10.33 5.26
C GLY A 66 26.43 -9.51 6.31
N ARG A 67 25.61 -8.52 5.94
CA ARG A 67 25.05 -7.60 6.92
C ARG A 67 23.81 -8.12 7.64
N VAL A 68 23.29 -9.27 7.28
CA VAL A 68 22.08 -9.79 7.91
C VAL A 68 22.40 -10.98 8.80
N THR A 69 21.77 -11.02 9.95
CA THR A 69 21.81 -12.16 10.85
C THR A 69 20.39 -12.55 11.24
N MET A 70 20.10 -13.85 11.15
CA MET A 70 18.79 -14.37 11.50
C MET A 70 18.93 -15.26 12.72
N THR A 71 17.98 -15.13 13.64
CA THR A 71 17.93 -15.92 14.86
C THR A 71 16.49 -16.31 15.19
N THR A 72 16.33 -17.27 16.12
CA THR A 72 15.01 -17.64 16.59
C THR A 72 15.06 -17.84 18.09
N ASP A 73 13.88 -17.76 18.72
CA ASP A 73 13.71 -18.06 20.14
C ASP A 73 12.55 -19.05 20.21
N THR A 74 12.87 -20.33 20.39
CA THR A 74 11.83 -21.35 20.42
C THR A 74 10.85 -21.14 21.59
N SER A 75 11.33 -20.58 22.70
CA SER A 75 10.47 -20.44 23.88
C SER A 75 9.31 -19.48 23.62
N THR A 76 9.54 -18.41 22.85
CA THR A 76 8.50 -17.43 22.54
C THR A 76 8.01 -17.56 21.11
N SER A 77 8.42 -18.59 20.39
CA SER A 77 7.96 -18.80 19.01
C SER A 77 8.22 -17.57 18.14
N THR A 78 9.40 -16.93 18.33
CA THR A 78 9.73 -15.70 17.62
C THR A 78 10.99 -15.87 16.80
N ALA A 79 10.98 -15.29 15.60
CA ALA A 79 12.13 -15.22 14.73
C ALA A 79 12.55 -13.76 14.61
N TYR A 80 13.85 -13.54 14.47
CA TYR A 80 14.41 -12.21 14.33
C TYR A 80 15.33 -12.09 13.12
N MET A 81 15.33 -10.89 12.54
CA MET A 81 16.23 -10.54 11.45
C MET A 81 16.87 -9.22 11.86
N GLU A 82 18.20 -9.20 11.92
CA GLU A 82 18.96 -8.00 12.18
C GLU A 82 19.75 -7.65 10.95
N LEU A 83 19.64 -6.40 10.51
CA LEU A 83 20.38 -5.89 9.37
C LEU A 83 21.24 -4.73 9.87
N ARG A 84 22.55 -4.83 9.71
CA ARG A 84 23.49 -3.85 10.23
C ARG A 84 23.88 -2.83 9.16
N SER A 85 24.53 -1.74 9.61
CA SER A 85 25.13 -0.74 8.74
C SER A 85 24.14 -0.26 7.67
N LEU A 86 23.00 0.21 8.14
CA LEU A 86 21.90 0.53 7.25
C LEU A 86 22.25 1.69 6.33
N ARG A 87 21.63 1.66 5.15
CA ARG A 87 21.73 2.73 4.17
C ARG A 87 20.34 3.00 3.61
N SER A 88 20.18 4.16 2.97
CA SER A 88 18.88 4.49 2.41
C SER A 88 18.42 3.50 1.35
N ASP A 89 19.33 2.77 0.70
CA ASP A 89 18.88 1.76 -0.25
C ASP A 89 18.34 0.51 0.44
N ASP A 90 18.42 0.44 1.77
CA ASP A 90 17.75 -0.59 2.56
C ASP A 90 16.31 -0.23 2.93
N THR A 91 15.83 0.95 2.58
CA THR A 91 14.44 1.26 2.89
C THR A 91 13.52 0.27 2.17
N ALA A 92 12.67 -0.43 2.93
CA ALA A 92 11.83 -1.49 2.36
C ALA A 92 10.81 -1.95 3.41
N VAL A 93 9.76 -2.62 2.93
CA VAL A 93 8.96 -3.50 3.79
C VAL A 93 9.71 -4.82 3.91
N TYR A 94 9.97 -5.23 5.14
CA TYR A 94 10.62 -6.50 5.43
C TYR A 94 9.54 -7.48 5.86
N PHE A 95 9.49 -8.62 5.19
CA PHE A 95 8.54 -9.67 5.50
C PHE A 95 9.23 -10.88 6.10
N CYS A 96 8.62 -11.41 7.14
CA CYS A 96 8.85 -12.77 7.60
C CYS A 96 7.90 -13.71 6.87
N ALA A 97 8.36 -14.94 6.61
CA ALA A 97 7.48 -15.93 5.98
C ALA A 97 7.95 -17.33 6.32
N ARG A 98 6.99 -18.23 6.48
CA ARG A 98 7.31 -19.61 6.78
C ARG A 98 7.81 -20.32 5.53
N ALA A 99 8.83 -21.16 5.69
CA ALA A 99 9.43 -21.87 4.55
C ALA A 99 9.56 -23.37 4.77
N SER A 100 9.28 -24.14 3.71
CA SER A 100 9.45 -25.59 3.72
C SER A 100 9.58 -26.09 2.29
N GLN A 101 10.02 -27.35 2.16
CA GLN A 101 10.44 -27.87 0.86
C GLN A 101 9.28 -28.00 -0.11
N ILE A 102 8.14 -28.51 0.37
CA ILE A 102 7.01 -28.77 -0.51
C ILE A 102 6.21 -27.49 -0.76
N ARG A 103 5.79 -26.84 0.30
CA ARG A 103 4.91 -25.69 0.20
C ARG A 103 5.67 -24.39 -0.05
N GLY A 104 7.01 -24.44 -0.07
CA GLY A 104 7.76 -23.24 -0.39
C GLY A 104 7.61 -22.20 0.71
N VAL A 105 7.59 -20.95 0.30
CA VAL A 105 7.42 -19.83 1.23
C VAL A 105 5.91 -19.57 1.25
N ASP A 106 5.21 -20.11 2.25
CA ASP A 106 3.74 -20.23 2.15
C ASP A 106 2.99 -19.09 2.85
N TYR A 107 3.15 -18.94 4.15
CA TYR A 107 2.45 -17.92 4.92
C TYR A 107 3.41 -16.78 5.27
N TRP A 108 2.93 -15.56 5.10
CA TRP A 108 3.76 -14.38 5.29
C TRP A 108 3.22 -13.51 6.42
N GLY A 109 4.13 -12.92 7.18
CA GLY A 109 3.77 -11.86 8.10
C GLY A 109 3.23 -10.64 7.38
N GLN A 110 2.75 -9.67 8.17
CA GLN A 110 2.11 -8.51 7.59
C GLN A 110 3.11 -7.51 7.03
N GLY A 111 4.39 -7.69 7.34
CA GLY A 111 5.41 -6.80 6.86
C GLY A 111 5.67 -5.66 7.81
N THR A 112 6.92 -5.19 7.79
CA THR A 112 7.41 -4.13 8.65
C THR A 112 8.14 -3.13 7.76
N LEU A 113 7.65 -1.89 7.67
CA LEU A 113 8.31 -0.86 6.90
C LEU A 113 9.46 -0.29 7.73
N VAL A 114 10.67 -0.37 7.19
CA VAL A 114 11.86 0.20 7.82
C VAL A 114 12.31 1.31 6.89
N THR A 115 12.24 2.55 7.39
CA THR A 115 12.70 3.71 6.65
C THR A 115 14.07 4.11 7.20
N VAL A 116 15.04 4.23 6.32
CA VAL A 116 16.39 4.63 6.73
C VAL A 116 16.56 6.08 6.29
N SER A 117 16.74 6.96 7.27
CA SER A 117 16.81 8.39 6.99
C SER A 117 17.52 9.09 8.13
N SER A 118 18.19 10.20 7.79
CA SER A 118 18.80 11.01 8.82
C SER A 118 17.79 11.90 9.54
N ALA A 119 16.58 12.03 8.99
CA ALA A 119 15.55 12.87 9.61
C ALA A 119 14.93 12.21 10.81
N SER A 120 14.46 13.01 11.74
CA SER A 120 13.86 12.47 12.95
C SER A 120 12.37 12.29 12.74
N THR A 121 11.81 11.34 13.47
CA THR A 121 10.37 11.14 13.51
C THR A 121 9.64 12.45 13.78
N LYS A 122 8.47 12.59 13.17
CA LYS A 122 7.56 13.72 13.42
C LYS A 122 6.11 13.26 13.32
N GLY A 123 5.32 13.51 14.36
CA GLY A 123 3.92 13.15 14.35
C GLY A 123 3.08 14.10 13.52
N PRO A 124 1.88 13.67 13.13
CA PRO A 124 1.06 14.47 12.22
C PRO A 124 0.32 15.59 12.93
N SER A 125 -0.03 16.59 12.12
CA SER A 125 -0.99 17.63 12.49
C SER A 125 -2.31 17.27 11.80
N VAL A 126 -3.36 17.03 12.59
CA VAL A 126 -4.63 16.56 12.06
C VAL A 126 -5.63 17.69 12.08
N PHE A 127 -6.25 17.96 10.94
CA PHE A 127 -7.25 19.01 10.85
C PHE A 127 -8.55 18.44 10.31
N PRO A 128 -9.69 18.91 10.79
CA PRO A 128 -10.96 18.42 10.29
C PRO A 128 -11.27 19.01 8.92
N LEU A 129 -11.93 18.19 8.09
CA LEU A 129 -12.52 18.65 6.82
C LEU A 129 -14.04 18.62 7.06
N ALA A 130 -14.55 19.75 7.48
CA ALA A 130 -15.89 19.81 8.05
C ALA A 130 -16.94 19.69 6.96
N PRO A 131 -18.04 18.98 7.23
CA PRO A 131 -19.17 19.02 6.29
C PRO A 131 -19.84 20.37 6.34
N SER A 132 -20.36 20.79 5.20
CA SER A 132 -21.10 22.03 5.09
C SER A 132 -22.05 21.91 3.91
N SER A 133 -22.85 22.95 3.69
CA SER A 133 -23.72 22.95 2.53
C SER A 133 -22.93 22.88 1.23
N LYS A 134 -21.65 23.28 1.26
CA LYS A 134 -20.82 23.26 0.06
C LYS A 134 -20.18 21.90 -0.18
N SER A 135 -20.09 21.04 0.85
CA SER A 135 -19.57 19.69 0.69
C SER A 135 -20.69 18.66 0.58
N THR A 136 -21.92 19.10 0.35
CA THR A 136 -23.07 18.21 0.27
C THR A 136 -23.57 18.20 -1.17
N SER A 137 -23.83 17.00 -1.68
CA SER A 137 -24.33 16.80 -3.05
C SER A 137 -25.55 15.88 -2.98
N GLY A 138 -26.72 16.48 -3.10
CA GLY A 138 -27.97 15.74 -3.19
C GLY A 138 -28.05 14.52 -2.29
N GLY A 139 -28.25 14.77 -1.00
CA GLY A 139 -28.51 13.70 -0.06
C GLY A 139 -27.27 13.13 0.61
N THR A 140 -26.08 13.24 0.00
CA THR A 140 -24.86 12.78 0.64
C THR A 140 -23.92 13.95 0.88
N ALA A 141 -23.22 13.89 2.00
CA ALA A 141 -22.27 14.93 2.38
C ALA A 141 -20.92 14.28 2.59
N ALA A 142 -19.88 14.99 2.19
CA ALA A 142 -18.53 14.55 2.47
C ALA A 142 -17.97 15.28 3.68
N LEU A 143 -17.21 14.55 4.48
CA LEU A 143 -16.45 15.09 5.59
C LEU A 143 -15.17 14.28 5.70
N GLY A 144 -14.19 14.80 6.40
CA GLY A 144 -12.93 14.08 6.39
C GLY A 144 -11.96 14.61 7.41
N CYS A 145 -10.74 14.07 7.35
CA CYS A 145 -9.64 14.68 8.07
C CYS A 145 -8.37 14.68 7.26
N LEU A 146 -7.63 15.76 7.44
CA LEU A 146 -6.38 16.03 6.77
C LEU A 146 -5.27 15.74 7.76
N VAL A 147 -4.41 14.81 7.40
CA VAL A 147 -3.31 14.36 8.25
C VAL A 147 -2.00 14.90 7.67
N LYS A 148 -1.49 15.97 8.25
CA LYS A 148 -0.48 16.80 7.62
C LYS A 148 0.89 16.63 8.29
N ASP A 149 1.93 16.58 7.45
CA ASP A 149 3.32 16.83 7.84
C ASP A 149 3.84 15.85 8.89
N TYR A 150 3.86 14.56 8.52
CA TYR A 150 4.38 13.53 9.40
C TYR A 150 5.54 12.80 8.73
N PHE A 151 6.35 12.11 9.54
CA PHE A 151 7.43 11.31 8.99
C PHE A 151 7.84 10.28 10.01
N PRO A 152 8.12 9.05 9.60
CA PRO A 152 7.95 8.48 8.27
C PRO A 152 6.56 7.87 8.09
N GLU A 153 6.35 7.19 6.98
CA GLU A 153 5.21 6.31 6.86
C GLU A 153 5.34 5.17 7.88
N PRO A 154 4.22 4.54 8.27
CA PRO A 154 2.87 4.78 7.83
C PRO A 154 2.01 5.44 8.88
N VAL A 155 0.85 5.90 8.43
CA VAL A 155 -0.23 6.34 9.29
C VAL A 155 -1.42 5.47 8.97
N THR A 156 -2.22 5.14 10.00
CA THR A 156 -3.53 4.51 9.82
C THR A 156 -4.63 5.45 10.28
N VAL A 157 -5.78 5.36 9.61
CA VAL A 157 -6.95 6.15 9.96
C VAL A 157 -8.14 5.23 10.07
N SER A 158 -8.89 5.38 11.15
CA SER A 158 -10.21 4.80 11.27
C SER A 158 -11.19 5.91 11.63
N TRP A 159 -12.47 5.56 11.60
CA TRP A 159 -13.54 6.47 11.93
C TRP A 159 -14.38 5.87 13.03
N ASN A 160 -14.65 6.65 14.07
CA ASN A 160 -15.51 6.21 15.17
C ASN A 160 -15.01 4.89 15.73
N SER A 161 -13.70 4.77 15.88
CA SER A 161 -13.06 3.60 16.50
C SER A 161 -13.36 2.32 15.74
N GLY A 162 -13.55 2.44 14.43
CA GLY A 162 -13.79 1.29 13.57
C GLY A 162 -15.25 1.01 13.31
N ALA A 163 -16.18 1.72 13.97
CA ALA A 163 -17.59 1.44 13.77
C ALA A 163 -18.10 1.96 12.44
N LEU A 164 -17.41 2.92 11.82
CA LEU A 164 -17.86 3.56 10.60
C LEU A 164 -16.88 3.16 9.51
N THR A 165 -17.33 2.36 8.56
CA THR A 165 -16.49 1.88 7.46
C THR A 165 -17.09 2.04 6.08
N SER A 166 -18.40 1.91 5.91
CA SER A 166 -18.96 2.06 4.57
C SER A 166 -18.93 3.53 4.22
N GLY A 167 -18.43 3.83 3.02
CA GLY A 167 -18.28 5.20 2.55
C GLY A 167 -17.00 5.86 2.95
N VAL A 168 -16.04 5.12 3.54
CA VAL A 168 -14.74 5.65 3.93
C VAL A 168 -13.73 5.38 2.85
N HIS A 169 -12.95 6.40 2.49
CA HIS A 169 -11.76 6.18 1.67
C HIS A 169 -10.59 6.96 2.24
N THR A 170 -9.51 6.26 2.53
CA THR A 170 -8.29 6.88 2.97
C THR A 170 -7.29 6.91 1.81
N PHE A 171 -6.84 8.10 1.43
CA PHE A 171 -6.03 8.28 0.25
C PHE A 171 -4.58 7.94 0.56
N PRO A 172 -3.78 7.60 -0.46
CA PRO A 172 -2.34 7.47 -0.24
C PRO A 172 -1.71 8.80 0.14
N ALA A 173 -0.57 8.71 0.81
CA ALA A 173 0.17 9.88 1.21
C ALA A 173 0.99 10.43 0.04
N VAL A 174 1.22 11.72 0.10
CA VAL A 174 2.15 12.35 -0.83
C VAL A 174 3.35 12.82 -0.01
N LEU A 175 4.54 12.64 -0.58
CA LEU A 175 5.76 13.12 0.03
C LEU A 175 6.04 14.52 -0.48
N GLN A 176 5.89 15.50 0.40
CA GLN A 176 6.05 16.88 0.01
C GLN A 176 7.53 17.27 -0.09
N SER A 177 7.78 18.49 -0.58
CA SER A 177 9.16 18.95 -0.78
C SER A 177 9.93 19.03 0.53
N SER A 178 9.22 19.25 1.64
CA SER A 178 9.85 19.31 2.95
C SER A 178 10.38 17.98 3.42
N GLY A 179 10.06 16.88 2.72
CA GLY A 179 10.41 15.58 3.21
C GLY A 179 9.43 15.02 4.22
N LEU A 180 8.27 15.67 4.38
CA LEU A 180 7.19 15.17 5.22
C LEU A 180 5.99 14.75 4.38
N TYR A 181 5.24 13.78 4.89
CA TYR A 181 4.08 13.23 4.21
C TYR A 181 2.80 13.93 4.64
N SER A 182 1.80 13.86 3.77
CA SER A 182 0.45 14.26 4.13
C SER A 182 -0.53 13.33 3.45
N LEU A 183 -1.66 13.08 4.10
CA LEU A 183 -2.74 12.32 3.48
C LEU A 183 -4.08 12.83 4.00
N SER A 184 -5.15 12.35 3.38
CA SER A 184 -6.51 12.65 3.79
C SER A 184 -7.30 11.36 3.85
N SER A 185 -8.34 11.39 4.69
CA SER A 185 -9.36 10.34 4.78
C SER A 185 -10.72 11.02 4.72
N VAL A 186 -11.60 10.49 3.89
CA VAL A 186 -12.90 11.10 3.63
C VAL A 186 -13.99 10.06 3.84
N VAL A 187 -15.13 10.51 4.37
CA VAL A 187 -16.29 9.67 4.53
C VAL A 187 -17.46 10.36 3.83
N THR A 188 -18.21 9.60 3.07
CA THR A 188 -19.44 10.08 2.44
C THR A 188 -20.60 9.55 3.28
N VAL A 189 -21.41 10.47 3.80
CA VAL A 189 -22.46 10.10 4.75
C VAL A 189 -23.78 10.68 4.26
N PRO A 190 -24.90 10.16 4.77
CA PRO A 190 -26.18 10.79 4.45
C PRO A 190 -26.25 12.20 5.04
N SER A 191 -26.71 13.17 4.24
CA SER A 191 -26.89 14.53 4.73
C SER A 191 -27.78 14.56 5.97
N SER A 192 -28.84 13.75 5.99
CA SER A 192 -29.75 13.73 7.13
C SER A 192 -29.03 13.35 8.42
N SER A 193 -27.99 12.53 8.32
CA SER A 193 -27.28 12.08 9.52
C SER A 193 -26.47 13.21 10.17
N LEU A 194 -26.15 14.27 9.43
CA LEU A 194 -25.25 15.30 9.96
C LEU A 194 -25.71 15.81 11.32
N GLY A 195 -27.01 16.00 11.49
CA GLY A 195 -27.55 16.16 12.82
C GLY A 195 -27.67 14.80 13.47
N THR A 196 -27.27 14.73 14.74
CA THR A 196 -27.43 13.57 15.61
C THR A 196 -26.43 12.44 15.34
N GLN A 197 -25.58 12.52 14.32
CA GLN A 197 -24.50 11.57 14.16
C GLN A 197 -23.18 12.27 14.40
N THR A 198 -22.28 11.59 15.11
CA THR A 198 -20.97 12.14 15.39
C THR A 198 -19.88 11.41 14.59
N TYR A 199 -18.78 12.13 14.34
CA TYR A 199 -17.71 11.68 13.47
C TYR A 199 -16.37 12.08 14.07
N ILE A 200 -15.56 11.07 14.35
CA ILE A 200 -14.23 11.24 14.92
C ILE A 200 -13.28 10.43 14.08
N CYS A 201 -12.23 11.06 13.60
CA CYS A 201 -11.19 10.29 12.94
C CYS A 201 -10.08 9.94 13.91
N ASN A 202 -9.68 8.70 13.89
CA ASN A 202 -8.68 8.14 14.81
C ASN A 202 -7.43 7.89 13.99
N VAL A 203 -6.42 8.72 14.20
CA VAL A 203 -5.19 8.67 13.44
C VAL A 203 -4.12 8.05 14.31
N ASN A 204 -3.46 7.03 13.80
CA ASN A 204 -2.36 6.41 14.54
C ASN A 204 -1.09 6.53 13.72
N HIS A 205 -0.07 7.10 14.31
CA HIS A 205 1.24 7.19 13.68
C HIS A 205 2.21 6.43 14.62
N LYS A 206 2.29 5.11 14.44
CA LYS A 206 3.07 4.30 15.36
C LYS A 206 4.54 4.71 15.42
N PRO A 207 5.19 5.10 14.31
CA PRO A 207 6.61 5.49 14.39
C PRO A 207 6.91 6.57 15.41
N SER A 208 6.00 7.53 15.62
CA SER A 208 6.19 8.56 16.64
C SER A 208 5.38 8.27 17.90
N ASN A 209 4.74 7.11 17.97
CA ASN A 209 3.95 6.74 19.13
C ASN A 209 2.90 7.80 19.43
N THR A 210 2.24 8.29 18.38
CA THR A 210 1.23 9.33 18.50
C THR A 210 -0.09 8.81 17.97
N LYS A 211 -1.15 9.03 18.73
CA LYS A 211 -2.50 8.83 18.28
C LYS A 211 -3.26 10.13 18.45
N VAL A 212 -4.07 10.48 17.46
CA VAL A 212 -4.91 11.67 17.50
C VAL A 212 -6.35 11.28 17.18
N ASP A 213 -7.30 11.65 18.04
CA ASP A 213 -8.73 11.49 17.79
C ASP A 213 -9.30 12.88 17.56
N LYS A 214 -9.67 13.18 16.31
CA LYS A 214 -10.11 14.52 15.91
C LYS A 214 -11.61 14.50 15.61
N ARG A 215 -12.37 15.26 16.37
CA ARG A 215 -13.79 15.42 16.09
C ARG A 215 -13.98 16.26 14.84
N VAL A 216 -14.92 15.84 13.99
CA VAL A 216 -15.21 16.53 12.74
C VAL A 216 -16.68 16.95 12.82
N GLU A 217 -16.90 18.24 12.97
CA GLU A 217 -18.20 18.80 13.30
C GLU A 217 -18.65 19.76 12.21
N PRO A 218 -19.96 19.92 12.00
CA PRO A 218 -20.43 20.91 11.02
C PRO A 218 -19.92 22.31 11.33
N LYS A 219 -19.63 23.05 10.27
CA LYS A 219 -18.99 24.36 10.41
C LYS A 219 -19.73 25.29 11.36
N GLN B 1 17.40 -7.59 -11.40
CA GLN B 1 17.69 -8.39 -10.17
C GLN B 1 16.90 -9.71 -10.13
N SER B 2 15.65 -9.73 -10.60
CA SER B 2 14.89 -10.97 -10.55
C SER B 2 15.47 -12.02 -11.51
N VAL B 3 15.64 -13.23 -11.01
CA VAL B 3 16.22 -14.30 -11.81
C VAL B 3 15.21 -14.86 -12.79
N LEU B 4 13.94 -14.95 -12.40
CA LEU B 4 12.87 -15.40 -13.29
C LEU B 4 12.28 -14.19 -14.02
N THR B 5 11.78 -14.41 -15.23
CA THR B 5 11.27 -13.34 -16.10
C THR B 5 9.75 -13.49 -16.28
N GLN B 6 8.99 -12.45 -15.90
CA GLN B 6 7.57 -12.34 -16.12
C GLN B 6 7.29 -11.08 -16.91
N PRO B 7 6.18 -11.04 -17.65
CA PRO B 7 5.82 -9.79 -18.31
C PRO B 7 5.44 -8.76 -17.27
N PRO B 8 5.73 -7.48 -17.51
CA PRO B 8 5.37 -6.51 -16.47
C PRO B 8 3.86 -6.37 -16.28
N SER B 9 3.06 -6.64 -17.33
CA SER B 9 1.63 -6.42 -17.26
C SER B 9 0.88 -7.51 -18.01
N ALA B 10 -0.36 -7.73 -17.59
CA ALA B 10 -1.29 -8.59 -18.28
C ALA B 10 -2.68 -8.01 -18.06
N SER B 11 -3.59 -8.29 -19.00
CA SER B 11 -4.92 -7.71 -18.85
C SER B 11 -5.94 -8.57 -19.58
N GLY B 12 -7.19 -8.35 -19.22
CA GLY B 12 -8.31 -8.98 -19.88
C GLY B 12 -9.58 -8.29 -19.44
N THR B 13 -10.69 -8.74 -20.02
CA THR B 13 -12.04 -8.30 -19.66
C THR B 13 -12.70 -9.37 -18.80
N PRO B 14 -13.82 -9.06 -18.15
CA PRO B 14 -14.39 -10.05 -17.22
C PRO B 14 -14.83 -11.33 -17.93
N GLY B 15 -14.50 -12.46 -17.30
CA GLY B 15 -14.80 -13.76 -17.84
C GLY B 15 -13.74 -14.29 -18.78
N GLN B 16 -12.68 -13.53 -19.01
CA GLN B 16 -11.58 -14.02 -19.81
C GLN B 16 -10.63 -14.87 -18.96
N ARG B 17 -9.83 -15.66 -19.64
CA ARG B 17 -8.75 -16.40 -19.01
C ARG B 17 -7.46 -15.70 -19.37
N VAL B 18 -6.77 -15.17 -18.36
CA VAL B 18 -5.52 -14.44 -18.54
C VAL B 18 -4.40 -15.36 -18.07
N THR B 19 -3.34 -15.44 -18.87
CA THR B 19 -2.18 -16.23 -18.54
C THR B 19 -0.98 -15.33 -18.32
N ILE B 20 -0.14 -15.73 -17.38
CA ILE B 20 1.08 -15.03 -17.02
C ILE B 20 2.21 -16.03 -17.10
N SER B 21 3.20 -15.74 -17.94
CA SER B 21 4.36 -16.59 -18.10
C SER B 21 5.45 -16.25 -17.08
N CYS B 22 6.27 -17.25 -16.79
CA CYS B 22 7.39 -17.13 -15.87
C CYS B 22 8.50 -18.01 -16.41
N SER B 23 9.58 -17.41 -16.90
CA SER B 23 10.62 -18.19 -17.52
C SER B 23 11.91 -18.15 -16.71
N GLY B 24 12.65 -19.24 -16.80
CA GLY B 24 13.87 -19.37 -16.06
C GLY B 24 14.87 -20.25 -16.77
N SER B 25 15.30 -21.33 -16.14
CA SER B 25 16.32 -22.21 -16.70
C SER B 25 16.22 -23.57 -16.04
N SER B 26 17.15 -24.46 -16.40
CA SER B 26 17.12 -25.81 -15.85
C SER B 26 17.38 -25.85 -14.36
N SER B 27 18.15 -24.92 -13.81
CA SER B 27 18.49 -25.00 -12.40
C SER B 27 17.35 -24.54 -11.49
N ASN B 28 16.34 -23.86 -12.02
CA ASN B 28 15.23 -23.41 -11.21
C ASN B 28 13.98 -24.12 -11.73
N ILE B 29 13.21 -23.49 -12.61
CA ILE B 29 11.92 -24.04 -13.03
C ILE B 29 12.08 -25.45 -13.61
N GLY B 30 13.15 -25.68 -14.37
CA GLY B 30 13.30 -26.96 -15.04
C GLY B 30 13.39 -28.13 -14.09
N SER B 31 13.95 -27.92 -12.91
CA SER B 31 14.28 -29.01 -12.00
C SER B 31 13.56 -28.91 -10.67
N ASN B 32 12.77 -27.89 -10.43
CA ASN B 32 12.29 -27.59 -9.09
C ASN B 32 10.86 -27.10 -9.13
N TYR B 33 10.21 -27.15 -7.96
CA TYR B 33 8.85 -26.67 -7.83
C TYR B 33 8.76 -25.16 -8.04
N VAL B 34 7.64 -24.76 -8.64
CA VAL B 34 7.29 -23.37 -8.88
C VAL B 34 6.12 -22.99 -7.98
N TYR B 35 6.12 -21.73 -7.56
CA TYR B 35 5.13 -21.15 -6.66
C TYR B 35 4.62 -19.85 -7.24
N TRP B 36 3.38 -19.49 -6.92
CA TRP B 36 2.79 -18.23 -7.34
C TRP B 36 2.15 -17.54 -6.16
N TYR B 37 2.23 -16.19 -6.19
CA TYR B 37 1.73 -15.32 -5.13
C TYR B 37 0.89 -14.23 -5.74
N GLN B 38 -0.14 -13.85 -5.00
CA GLN B 38 -0.95 -12.68 -5.30
C GLN B 38 -0.67 -11.62 -4.25
N GLN B 39 -0.49 -10.37 -4.68
CA GLN B 39 -0.28 -9.28 -3.72
C GLN B 39 -1.12 -8.07 -4.10
N PHE B 40 -1.97 -7.66 -3.17
CA PHE B 40 -2.74 -6.43 -3.31
C PHE B 40 -1.97 -5.28 -2.68
N PRO B 41 -2.20 -4.05 -3.12
CA PRO B 41 -1.48 -2.92 -2.53
C PRO B 41 -1.59 -2.87 -1.02
N GLY B 42 -0.45 -2.67 -0.37
CA GLY B 42 -0.39 -2.53 1.07
C GLY B 42 -0.50 -3.81 1.86
N THR B 43 -0.57 -4.96 1.21
CA THR B 43 -0.76 -6.25 1.84
C THR B 43 0.43 -7.15 1.54
N ALA B 44 0.58 -8.18 2.32
CA ALA B 44 1.61 -9.16 2.09
C ALA B 44 1.23 -10.08 0.93
N PRO B 45 2.22 -10.61 0.22
CA PRO B 45 1.93 -11.66 -0.77
C PRO B 45 1.20 -12.81 -0.11
N LYS B 46 0.32 -13.42 -0.88
CA LYS B 46 -0.46 -14.58 -0.46
C LYS B 46 -0.16 -15.72 -1.43
N LEU B 47 0.16 -16.90 -0.91
CA LEU B 47 0.39 -18.06 -1.74
C LEU B 47 -0.87 -18.45 -2.50
N LEU B 48 -0.75 -18.56 -3.82
CA LEU B 48 -1.82 -18.98 -4.70
C LEU B 48 -1.63 -20.39 -5.23
N ILE B 49 -0.40 -20.75 -5.58
CA ILE B 49 -0.08 -22.07 -6.13
C ILE B 49 1.21 -22.52 -5.50
N TYR B 50 1.28 -23.79 -5.10
CA TYR B 50 2.54 -24.37 -4.66
C TYR B 50 2.81 -25.65 -5.43
N GLY B 51 4.07 -26.09 -5.47
CA GLY B 51 4.36 -27.38 -6.09
C GLY B 51 3.96 -27.46 -7.54
N ASN B 52 4.18 -26.38 -8.29
CA ASN B 52 3.83 -26.24 -9.70
C ASN B 52 2.36 -25.99 -9.94
N ASN B 53 1.48 -26.78 -9.32
CA ASN B 53 0.08 -26.75 -9.74
C ASN B 53 -0.90 -27.02 -8.59
N GLN B 54 -0.48 -27.01 -7.33
CA GLN B 54 -1.39 -27.26 -6.23
C GLN B 54 -1.96 -25.97 -5.67
N ARG B 55 -3.22 -26.02 -5.26
CA ARG B 55 -3.87 -24.89 -4.64
C ARG B 55 -3.91 -25.09 -3.14
N PRO B 56 -3.43 -24.14 -2.36
CA PRO B 56 -3.54 -24.24 -0.91
C PRO B 56 -4.96 -23.88 -0.48
N SER B 57 -5.22 -24.03 0.82
CA SER B 57 -6.52 -23.77 1.38
C SER B 57 -7.06 -22.42 0.97
N GLY B 58 -8.34 -22.41 0.57
CA GLY B 58 -9.03 -21.18 0.27
C GLY B 58 -8.80 -20.61 -1.12
N VAL B 59 -7.86 -21.13 -1.90
CA VAL B 59 -7.61 -20.63 -3.25
C VAL B 59 -8.57 -21.34 -4.19
N PRO B 60 -9.42 -20.62 -4.92
CA PRO B 60 -10.41 -21.29 -5.76
C PRO B 60 -9.76 -21.81 -7.03
N ASP B 61 -10.40 -22.80 -7.61
CA ASP B 61 -9.72 -23.59 -8.64
C ASP B 61 -9.73 -22.89 -10.00
N ARG B 62 -10.32 -21.70 -10.10
CA ARG B 62 -10.16 -20.88 -11.28
C ARG B 62 -8.75 -20.32 -11.41
N PHE B 63 -7.92 -20.40 -10.37
CA PHE B 63 -6.48 -20.20 -10.48
C PHE B 63 -5.79 -21.54 -10.72
N SER B 64 -4.98 -21.61 -11.76
CA SER B 64 -4.28 -22.85 -12.07
C SER B 64 -2.85 -22.56 -12.46
N GLY B 65 -1.95 -23.41 -12.00
CA GLY B 65 -0.55 -23.30 -12.33
C GLY B 65 -0.12 -24.48 -13.19
N SER B 66 0.86 -24.25 -14.06
CA SER B 66 1.44 -25.34 -14.82
C SER B 66 2.89 -25.01 -15.12
N LYS B 67 3.58 -26.01 -15.65
CA LYS B 67 4.99 -25.86 -15.98
C LYS B 67 5.33 -26.81 -17.11
N SER B 68 6.25 -26.39 -17.95
CA SER B 68 6.73 -27.21 -19.05
C SER B 68 8.17 -26.80 -19.33
N GLY B 69 9.10 -27.72 -19.18
CA GLY B 69 10.49 -27.35 -19.41
C GLY B 69 10.91 -26.29 -18.40
N THR B 70 11.53 -25.22 -18.89
CA THR B 70 12.05 -24.16 -18.03
C THR B 70 11.13 -22.96 -17.90
N SER B 71 9.85 -23.09 -18.25
CA SER B 71 8.91 -22.00 -18.07
C SER B 71 7.64 -22.50 -17.41
N ALA B 72 7.03 -21.62 -16.65
CA ALA B 72 5.79 -21.89 -15.92
C ALA B 72 4.73 -20.88 -16.31
N SER B 73 3.49 -21.16 -15.98
CA SER B 73 2.38 -20.29 -16.34
C SER B 73 1.31 -20.29 -15.25
N LEU B 74 0.82 -19.12 -14.92
CA LEU B 74 -0.38 -18.99 -14.09
C LEU B 74 -1.55 -18.62 -14.98
N ALA B 75 -2.65 -19.37 -14.85
CA ALA B 75 -3.87 -19.05 -15.58
C ALA B 75 -4.94 -18.59 -14.60
N ILE B 76 -5.42 -17.35 -14.79
CA ILE B 76 -6.53 -16.79 -14.02
C ILE B 76 -7.76 -16.90 -14.91
N SER B 77 -8.60 -17.89 -14.64
CA SER B 77 -9.85 -18.06 -15.36
C SER B 77 -10.96 -17.28 -14.66
N GLY B 78 -12.01 -16.98 -15.41
CA GLY B 78 -13.11 -16.22 -14.85
C GLY B 78 -12.69 -14.87 -14.31
N LEU B 79 -11.86 -14.17 -15.05
CA LEU B 79 -11.29 -12.91 -14.58
C LEU B 79 -12.39 -11.97 -14.11
N ARG B 80 -12.09 -11.20 -13.06
CA ARG B 80 -13.02 -10.24 -12.49
C ARG B 80 -12.22 -9.16 -11.77
N SER B 81 -12.88 -8.06 -11.41
CA SER B 81 -12.18 -6.89 -10.91
C SER B 81 -11.31 -7.18 -9.68
N GLU B 82 -11.78 -8.04 -8.78
CA GLU B 82 -11.00 -8.35 -7.58
C GLU B 82 -9.68 -9.05 -7.90
N ASP B 83 -9.45 -9.43 -9.16
CA ASP B 83 -8.18 -10.03 -9.55
C ASP B 83 -7.11 -9.00 -9.89
N GLU B 84 -7.43 -7.73 -9.91
CA GLU B 84 -6.41 -6.71 -10.14
C GLU B 84 -5.45 -6.68 -8.95
N ALA B 85 -4.20 -7.00 -9.21
CA ALA B 85 -3.17 -7.19 -8.21
C ALA B 85 -1.86 -7.42 -8.94
N ASP B 86 -0.79 -7.53 -8.17
CA ASP B 86 0.48 -8.03 -8.66
C ASP B 86 0.61 -9.52 -8.37
N TYR B 87 1.13 -10.27 -9.34
CA TYR B 87 1.35 -11.70 -9.22
C TYR B 87 2.82 -12.00 -9.43
N TYR B 88 3.39 -12.81 -8.55
CA TYR B 88 4.82 -13.15 -8.58
C TYR B 88 4.96 -14.66 -8.70
N CYS B 89 5.85 -15.10 -9.56
CA CYS B 89 6.31 -16.46 -9.52
C CYS B 89 7.59 -16.59 -8.71
N ALA B 90 7.89 -17.81 -8.32
CA ALA B 90 9.08 -18.11 -7.54
C ALA B 90 9.43 -19.58 -7.73
N ALA B 91 10.68 -19.93 -7.43
CA ALA B 91 11.11 -21.32 -7.55
C ALA B 91 12.34 -21.57 -6.70
N TRP B 92 12.56 -22.81 -6.31
CA TRP B 92 13.87 -23.19 -5.82
C TRP B 92 14.85 -23.17 -6.98
N ASP B 93 16.12 -22.88 -6.68
CA ASP B 93 17.16 -22.80 -7.69
C ASP B 93 18.41 -23.45 -7.13
N ASP B 94 18.95 -24.40 -7.87
CA ASP B 94 20.12 -25.15 -7.44
C ASP B 94 21.44 -24.50 -7.84
N SER B 95 21.40 -23.41 -8.60
CA SER B 95 22.61 -22.75 -9.04
C SER B 95 23.10 -21.77 -7.97
N LEU B 96 24.18 -21.05 -8.29
CA LEU B 96 24.67 -20.03 -7.37
C LEU B 96 23.68 -18.90 -7.16
N SER B 97 22.71 -18.73 -8.07
CA SER B 97 21.66 -17.74 -7.87
C SER B 97 20.65 -18.16 -6.82
N GLY B 98 20.65 -19.43 -6.43
CA GLY B 98 19.69 -19.94 -5.47
C GLY B 98 20.05 -19.54 -4.06
N PRO B 99 19.34 -20.10 -3.07
CA PRO B 99 18.44 -21.26 -3.20
C PRO B 99 16.99 -20.97 -3.60
N TRP B 100 16.58 -19.71 -3.59
CA TRP B 100 15.20 -19.33 -3.87
C TRP B 100 15.22 -18.08 -4.70
N VAL B 101 14.44 -18.09 -5.78
CA VAL B 101 14.41 -17.00 -6.74
C VAL B 101 12.98 -16.58 -7.03
N PHE B 102 12.81 -15.32 -7.43
CA PHE B 102 11.53 -14.73 -7.76
C PHE B 102 11.55 -14.22 -9.19
N GLY B 103 10.36 -14.11 -9.74
CA GLY B 103 10.13 -13.26 -10.89
C GLY B 103 9.91 -11.84 -10.45
N GLY B 104 9.88 -10.94 -11.44
CA GLY B 104 9.77 -9.52 -11.15
C GLY B 104 8.38 -9.00 -10.90
N GLY B 105 7.36 -9.85 -11.07
CA GLY B 105 5.98 -9.47 -10.87
C GLY B 105 5.28 -9.05 -12.15
N THR B 106 3.98 -9.35 -12.21
CA THR B 106 3.10 -8.95 -13.29
C THR B 106 1.89 -8.23 -12.69
N GLN B 107 1.63 -7.01 -13.13
CA GLN B 107 0.44 -6.27 -12.72
C GLN B 107 -0.71 -6.63 -13.65
N VAL B 108 -1.81 -7.14 -13.07
CA VAL B 108 -2.99 -7.51 -13.83
C VAL B 108 -4.02 -6.38 -13.75
N THR B 109 -4.48 -5.94 -14.93
CA THR B 109 -5.55 -4.97 -15.07
C THR B 109 -6.77 -5.65 -15.65
N VAL B 110 -7.95 -5.28 -15.17
CA VAL B 110 -9.20 -5.80 -15.71
C VAL B 110 -9.88 -4.66 -16.46
N LEU B 111 -9.98 -4.81 -17.77
CA LEU B 111 -10.58 -3.81 -18.64
C LEU B 111 -12.07 -4.07 -18.78
N GLY B 112 -12.74 -3.19 -19.51
CA GLY B 112 -14.15 -3.31 -19.75
C GLY B 112 -15.03 -3.03 -18.55
N GLN B 113 -14.54 -2.30 -17.59
CA GLN B 113 -15.39 -1.89 -16.51
C GLN B 113 -16.21 -0.68 -16.94
N PRO B 114 -17.32 -0.42 -16.29
CA PRO B 114 -18.14 0.73 -16.68
C PRO B 114 -17.41 2.05 -16.45
N LYS B 115 -17.40 2.87 -17.50
CA LYS B 115 -16.90 4.22 -17.38
C LYS B 115 -17.74 5.03 -16.41
N ALA B 116 -17.07 5.95 -15.72
CA ALA B 116 -17.73 6.82 -14.76
C ALA B 116 -16.93 8.11 -14.64
N ALA B 117 -17.60 9.24 -14.85
CA ALA B 117 -17.00 10.53 -14.62
C ALA B 117 -16.79 10.79 -13.12
N PRO B 118 -15.80 11.60 -12.78
CA PRO B 118 -15.47 11.82 -11.37
C PRO B 118 -16.45 12.73 -10.65
N SER B 119 -16.62 12.45 -9.37
CA SER B 119 -17.21 13.36 -8.41
C SER B 119 -16.06 14.14 -7.76
N VAL B 120 -16.23 15.44 -7.61
CA VAL B 120 -15.19 16.31 -7.03
C VAL B 120 -15.75 17.06 -5.83
N THR B 121 -15.03 16.98 -4.71
CA THR B 121 -15.30 17.78 -3.52
C THR B 121 -14.07 18.60 -3.20
N LEU B 122 -14.26 19.89 -2.96
CA LEU B 122 -13.18 20.82 -2.63
C LEU B 122 -13.40 21.39 -1.25
N PHE B 123 -12.49 21.07 -0.32
CA PHE B 123 -12.57 21.60 1.02
C PHE B 123 -11.69 22.84 1.17
N PRO B 124 -12.23 23.90 1.78
CA PRO B 124 -11.40 25.06 2.13
C PRO B 124 -10.48 24.73 3.28
N PRO B 125 -9.50 25.59 3.56
CA PRO B 125 -8.71 25.44 4.79
C PRO B 125 -9.62 25.43 6.01
N SER B 126 -9.34 24.55 6.96
CA SER B 126 -10.08 24.55 8.20
C SER B 126 -9.75 25.77 9.02
N SER B 127 -10.68 26.15 9.89
CA SER B 127 -10.39 27.25 10.79
C SER B 127 -9.19 26.94 11.67
N GLU B 128 -9.05 25.68 12.09
CA GLU B 128 -7.91 25.32 12.92
C GLU B 128 -6.59 25.53 12.19
N GLU B 129 -6.51 25.11 10.94
CA GLU B 129 -5.26 25.27 10.22
C GLU B 129 -4.95 26.75 10.01
N LEU B 130 -5.96 27.54 9.64
CA LEU B 130 -5.74 28.97 9.47
C LEU B 130 -5.21 29.60 10.75
N GLN B 131 -5.74 29.20 11.91
CA GLN B 131 -5.28 29.73 13.19
C GLN B 131 -3.85 29.34 13.50
N ALA B 132 -3.35 28.26 12.87
CA ALA B 132 -1.95 27.88 12.94
C ALA B 132 -1.13 28.50 11.82
N ASN B 133 -1.68 29.50 11.14
CA ASN B 133 -0.99 30.28 10.10
C ASN B 133 -0.57 29.44 8.90
N LYS B 134 -1.40 28.47 8.55
CA LYS B 134 -1.22 27.67 7.35
C LYS B 134 -2.56 27.54 6.63
N ALA B 135 -2.50 27.06 5.40
CA ALA B 135 -3.71 26.89 4.61
C ALA B 135 -3.49 25.84 3.56
N THR B 136 -4.37 24.84 3.53
CA THR B 136 -4.36 23.80 2.51
C THR B 136 -5.78 23.64 1.95
N LEU B 137 -5.90 23.75 0.63
CA LEU B 137 -7.11 23.38 -0.08
C LEU B 137 -7.01 21.90 -0.42
N VAL B 138 -8.09 21.16 -0.23
CA VAL B 138 -8.06 19.71 -0.41
C VAL B 138 -9.12 19.35 -1.45
N CYS B 139 -8.67 18.84 -2.60
CA CYS B 139 -9.54 18.43 -3.69
C CYS B 139 -9.59 16.91 -3.74
N LEU B 140 -10.77 16.35 -3.48
CA LEU B 140 -10.95 14.91 -3.43
C LEU B 140 -11.79 14.48 -4.61
N ILE B 141 -11.29 13.48 -5.34
CA ILE B 141 -11.86 13.06 -6.60
C ILE B 141 -12.26 11.62 -6.45
N SER B 142 -13.54 11.31 -6.72
CA SER B 142 -14.02 9.98 -6.39
C SER B 142 -14.88 9.38 -7.49
N ASP B 143 -15.04 8.04 -7.39
CA ASP B 143 -16.03 7.28 -8.14
C ASP B 143 -15.83 7.35 -9.65
N PHE B 144 -14.58 7.29 -10.11
CA PHE B 144 -14.32 7.40 -11.53
C PHE B 144 -13.66 6.15 -12.09
N TYR B 145 -13.80 5.99 -13.40
CA TYR B 145 -13.15 4.93 -14.14
C TYR B 145 -13.10 5.36 -15.60
N PRO B 146 -11.99 5.19 -16.31
CA PRO B 146 -10.74 4.58 -15.85
C PRO B 146 -9.99 5.41 -14.83
N GLY B 147 -8.94 4.82 -14.28
CA GLY B 147 -8.20 5.44 -13.19
C GLY B 147 -7.08 6.37 -13.60
N ALA B 148 -7.44 7.45 -14.30
CA ALA B 148 -6.47 8.46 -14.73
C ALA B 148 -7.17 9.81 -14.73
N VAL B 149 -6.54 10.80 -14.10
CA VAL B 149 -7.05 12.17 -14.12
C VAL B 149 -5.85 13.10 -14.16
N THR B 150 -6.11 14.35 -14.56
CA THR B 150 -5.18 15.45 -14.31
C THR B 150 -5.92 16.49 -13.49
N VAL B 151 -5.17 17.20 -12.66
CA VAL B 151 -5.73 18.22 -11.79
C VAL B 151 -4.99 19.53 -12.01
N ALA B 152 -5.75 20.61 -12.22
CA ALA B 152 -5.20 21.95 -12.33
C ALA B 152 -5.91 22.85 -11.32
N TRP B 153 -5.19 23.83 -10.81
CA TRP B 153 -5.71 24.74 -9.81
C TRP B 153 -5.74 26.17 -10.34
N LYS B 154 -6.73 26.93 -9.91
CA LYS B 154 -6.85 28.33 -10.27
C LYS B 154 -7.10 29.17 -9.03
N ALA B 155 -6.60 30.40 -9.07
CA ALA B 155 -6.90 31.44 -8.09
C ALA B 155 -7.68 32.51 -8.83
N ASP B 156 -8.91 32.76 -8.41
CA ASP B 156 -9.86 33.45 -9.26
C ASP B 156 -9.87 32.73 -10.61
N SER B 157 -9.41 33.37 -11.68
CA SER B 157 -9.34 32.71 -12.97
C SER B 157 -7.91 32.44 -13.42
N SER B 158 -6.92 32.70 -12.57
CA SER B 158 -5.52 32.60 -12.96
C SER B 158 -4.95 31.23 -12.59
N PRO B 159 -4.23 30.55 -13.48
CA PRO B 159 -3.61 29.27 -13.11
C PRO B 159 -2.59 29.42 -11.99
N VAL B 160 -2.62 28.45 -11.07
CA VAL B 160 -1.68 28.34 -9.97
C VAL B 160 -0.73 27.19 -10.29
N LYS B 161 0.56 27.49 -10.29
CA LYS B 161 1.55 26.47 -10.61
C LYS B 161 2.26 25.91 -9.38
N ALA B 162 2.51 26.73 -8.38
CA ALA B 162 3.30 26.32 -7.22
C ALA B 162 2.38 25.88 -6.09
N GLY B 163 2.90 25.02 -5.23
CA GLY B 163 2.22 24.58 -4.03
C GLY B 163 1.26 23.42 -4.21
N VAL B 164 1.30 22.74 -5.35
CA VAL B 164 0.37 21.67 -5.69
C VAL B 164 1.03 20.33 -5.41
N GLU B 165 0.25 19.40 -4.85
CA GLU B 165 0.66 18.01 -4.72
C GLU B 165 -0.52 17.13 -5.13
N THR B 166 -0.28 16.11 -5.96
CA THR B 166 -1.35 15.29 -6.52
C THR B 166 -1.00 13.81 -6.42
N THR B 167 -1.94 13.01 -5.93
CA THR B 167 -1.73 11.58 -5.79
C THR B 167 -2.18 10.82 -7.04
N THR B 168 -1.57 9.65 -7.21
CA THR B 168 -1.98 8.73 -8.26
C THR B 168 -3.30 8.06 -7.87
N PRO B 169 -4.24 7.92 -8.80
CA PRO B 169 -5.51 7.25 -8.47
C PRO B 169 -5.28 5.85 -7.91
N SER B 170 -6.12 5.47 -6.96
CA SER B 170 -6.13 4.10 -6.49
C SER B 170 -7.56 3.69 -6.22
N LYS B 171 -7.75 2.37 -6.09
CA LYS B 171 -9.10 1.83 -6.05
C LYS B 171 -9.78 2.06 -4.71
N GLN B 172 -11.06 2.40 -4.80
CA GLN B 172 -11.98 2.44 -3.68
C GLN B 172 -12.50 1.04 -3.36
N SER B 173 -13.18 0.92 -2.23
CA SER B 173 -13.75 -0.36 -1.83
C SER B 173 -14.75 -0.89 -2.86
N ASN B 174 -15.36 -0.01 -3.64
CA ASN B 174 -16.34 -0.41 -4.66
C ASN B 174 -15.73 -0.64 -6.03
N ASN B 175 -14.41 -0.63 -6.14
CA ASN B 175 -13.63 -0.92 -7.34
C ASN B 175 -13.54 0.24 -8.32
N LYS B 176 -14.23 1.37 -8.10
CA LYS B 176 -13.94 2.60 -8.82
C LYS B 176 -12.68 3.22 -8.23
N TYR B 177 -12.22 4.32 -8.83
CA TYR B 177 -10.98 4.97 -8.45
C TYR B 177 -11.25 6.30 -7.75
N ALA B 178 -10.26 6.68 -6.94
CA ALA B 178 -10.25 7.97 -6.27
C ALA B 178 -8.85 8.54 -6.36
N ALA B 179 -8.76 9.87 -6.28
CA ALA B 179 -7.47 10.54 -6.22
C ALA B 179 -7.64 11.84 -5.42
N SER B 180 -6.52 12.48 -5.11
CA SER B 180 -6.52 13.68 -4.28
C SER B 180 -5.50 14.68 -4.82
N SER B 181 -5.77 15.97 -4.59
CA SER B 181 -4.81 17.01 -4.87
C SER B 181 -4.91 18.07 -3.79
N TYR B 182 -3.77 18.65 -3.45
CA TYR B 182 -3.67 19.66 -2.42
C TYR B 182 -3.04 20.92 -3.00
N LEU B 183 -3.53 22.07 -2.57
CA LEU B 183 -2.89 23.35 -2.84
C LEU B 183 -2.51 24.00 -1.51
N SER B 184 -1.22 24.21 -1.29
CA SER B 184 -0.74 24.93 -0.10
C SER B 184 -0.63 26.41 -0.40
N LEU B 185 -1.18 27.24 0.49
CA LEU B 185 -1.25 28.69 0.33
C LEU B 185 -1.00 29.32 1.69
N THR B 186 -0.71 30.62 1.69
CA THR B 186 -0.73 31.34 2.96
C THR B 186 -2.17 31.75 3.30
N PRO B 187 -2.48 31.94 4.59
CA PRO B 187 -3.81 32.48 4.92
C PRO B 187 -4.14 33.76 4.17
N GLU B 188 -3.15 34.65 3.98
CA GLU B 188 -3.45 35.90 3.29
C GLU B 188 -3.75 35.66 1.82
N GLN B 189 -3.04 34.73 1.17
CA GLN B 189 -3.39 34.34 -0.19
C GLN B 189 -4.82 33.80 -0.26
N TRP B 190 -5.17 32.93 0.69
CA TRP B 190 -6.54 32.40 0.73
C TRP B 190 -7.55 33.54 0.84
N LYS B 191 -7.31 34.48 1.75
CA LYS B 191 -8.28 35.53 2.03
C LYS B 191 -8.32 36.59 0.92
N SER B 192 -7.25 36.73 0.14
CA SER B 192 -7.12 37.86 -0.77
C SER B 192 -7.70 37.60 -2.16
N HIS B 193 -8.15 36.38 -2.44
CA HIS B 193 -8.76 36.06 -3.71
C HIS B 193 -10.25 35.81 -3.52
N ARG B 194 -11.03 36.09 -4.56
CA ARG B 194 -12.46 35.87 -4.49
C ARG B 194 -12.79 34.39 -4.45
N SER B 195 -11.97 33.56 -5.10
CA SER B 195 -12.24 32.13 -5.09
C SER B 195 -11.00 31.36 -5.52
N TYR B 196 -11.05 30.05 -5.27
CA TYR B 196 -10.07 29.10 -5.77
C TYR B 196 -10.83 27.94 -6.39
N SER B 197 -10.23 27.32 -7.39
CA SER B 197 -10.86 26.21 -8.09
C SER B 197 -9.89 25.06 -8.29
N CYS B 198 -10.45 23.86 -8.29
CA CYS B 198 -9.75 22.63 -8.67
C CYS B 198 -10.47 22.09 -9.91
N GLN B 199 -9.70 21.89 -10.99
CA GLN B 199 -10.25 21.46 -12.26
C GLN B 199 -9.70 20.09 -12.60
N VAL B 200 -10.57 19.11 -12.65
CA VAL B 200 -10.21 17.72 -12.89
C VAL B 200 -10.57 17.36 -14.33
N THR B 201 -9.61 16.84 -15.08
CA THR B 201 -9.86 16.35 -16.43
C THR B 201 -9.87 14.83 -16.41
N HIS B 202 -10.91 14.25 -16.99
CA HIS B 202 -11.07 12.81 -17.05
C HIS B 202 -11.68 12.46 -18.40
N GLU B 203 -11.02 11.61 -19.17
CA GLU B 203 -11.50 11.17 -20.47
C GLU B 203 -11.88 12.36 -21.35
N GLY B 204 -11.07 13.41 -21.31
CA GLY B 204 -11.26 14.54 -22.19
C GLY B 204 -12.19 15.60 -21.70
N SER B 205 -12.95 15.35 -20.64
CA SER B 205 -13.92 16.32 -20.16
C SER B 205 -13.55 16.74 -18.74
N THR B 206 -14.06 17.88 -18.31
CA THR B 206 -13.59 18.47 -17.06
C THR B 206 -14.75 18.70 -16.09
N VAL B 207 -14.42 18.54 -14.80
CA VAL B 207 -15.30 18.88 -13.69
C VAL B 207 -14.49 19.79 -12.79
N GLU B 208 -15.03 20.97 -12.50
CA GLU B 208 -14.30 22.00 -11.77
C GLU B 208 -15.16 22.46 -10.61
N LYS B 209 -14.59 22.45 -9.42
CA LYS B 209 -15.25 22.92 -8.21
C LYS B 209 -14.54 24.17 -7.71
N THR B 210 -15.32 25.11 -7.20
CA THR B 210 -14.84 26.39 -6.73
C THR B 210 -15.23 26.54 -5.25
N VAL B 211 -14.35 27.17 -4.48
CA VAL B 211 -14.63 27.54 -3.09
C VAL B 211 -14.21 28.99 -2.90
N ALA B 212 -14.88 29.66 -1.95
CA ALA B 212 -14.60 31.07 -1.70
C ALA B 212 -14.47 31.31 -0.19
N PRO B 213 -13.54 32.17 0.22
CA PRO B 213 -13.46 32.55 1.65
C PRO B 213 -14.60 33.49 2.06
#